data_3CIX
#
_entry.id   3CIX
#
_cell.length_a   50.927
_cell.length_b   79.728
_cell.length_c   86.077
_cell.angle_alpha   90.00
_cell.angle_beta   90.00
_cell.angle_gamma   90.00
#
_symmetry.space_group_name_H-M   'P 21 21 21'
#
loop_
_entity.id
_entity.type
_entity.pdbx_description
1 polymer 'FeFe-Hydrogenase maturase'
2 non-polymer 'THIOCYANATE ION'
3 non-polymer 'CHLORIDE ION'
4 non-polymer 'IRON/SULFUR CLUSTER'
5 non-polymer S-ADENOSYL-L-HOMOCYSTEINE
6 non-polymer 3-[(3-CHOLAMIDOPROPYL)DIMETHYLAMMONIO]-1-PROPANESULFONATE
7 non-polymer 'sulfoacetic acid'
8 non-polymer 'FE2/S2 (INORGANIC) CLUSTER'
9 non-polymer DI(HYDROXYETHYL)ETHER
10 non-polymer GLYCEROL
11 water water
#
_entity_poly.entity_id   1
_entity_poly.type   'polypeptide(L)'
_entity_poly.pdbx_seq_one_letter_code
;MTGREILEKLERREFTREVLKEALSINDRGFNEALFKLADEIRRKYVGDEVHIRAIIEFSNVCRKNCLYCGLRRDNKNLK
RYRMTPEEIVERARLAVQFGAKTIVLQSGEDPYYMPDVISDIVKEIKKMGVAVTLSLGEWPREYYEKWKEAGADRYLLRH
ETANPVLHRKLRPDTSFENRLN(CSO)LLTLKELGYETGAGSMVGLPGQTIDDLVDDLLFLKEHDFDMVGIGPFIPHPDT
PLANEKKGDFTLTLKMVALTRILLPDSNIPATTAMGTIVPGGREITLRCGANVIMPNWTPSPYRQLYQLYPGKICVFEKD
TACIPCVMKMIELLGRKPGRDWGGRKRVFETV
;
_entity_poly.pdbx_strand_id   A
#
loop_
_chem_comp.id
_chem_comp.type
_chem_comp.name
_chem_comp.formula
CL non-polymer 'CHLORIDE ION' 'Cl -1'
CPS non-polymer 3-[(3-CHOLAMIDOPROPYL)DIMETHYLAMMONIO]-1-PROPANESULFONATE 'C32 H58 N2 O7 S'
FES non-polymer 'FE2/S2 (INORGANIC) CLUSTER' 'Fe2 S2'
GOL non-polymer GLYCEROL 'C3 H8 O3'
PEG non-polymer DI(HYDROXYETHYL)ETHER 'C4 H10 O3'
SAH non-polymer S-ADENOSYL-L-HOMOCYSTEINE 'C14 H20 N6 O5 S'
SAT non-polymer 'sulfoacetic acid' 'C2 H4 O5 S'
SCN non-polymer 'THIOCYANATE ION' 'C N S -1'
SF4 non-polymer 'IRON/SULFUR CLUSTER' 'Fe4 S4'
#
# COMPACT_ATOMS: atom_id res chain seq x y z
N THR A 2 -24.34 12.35 17.38
CA THR A 2 -24.38 10.96 17.92
C THR A 2 -23.73 10.02 16.91
N GLY A 3 -23.20 8.90 17.42
CA GLY A 3 -22.69 7.84 16.59
C GLY A 3 -23.68 7.39 15.57
N ARG A 4 -24.93 7.13 15.99
CA ARG A 4 -25.98 6.69 15.07
C ARG A 4 -26.18 7.71 13.96
N GLU A 5 -26.11 9.00 14.31
CA GLU A 5 -26.31 10.03 13.31
C GLU A 5 -25.17 10.09 12.31
N ILE A 6 -23.95 9.92 12.78
CA ILE A 6 -22.77 9.89 11.89
C ILE A 6 -22.85 8.73 10.89
N LEU A 7 -23.22 7.54 11.37
CA LEU A 7 -23.40 6.38 10.46
C LEU A 7 -24.48 6.68 9.43
N GLU A 8 -25.60 7.29 9.85
CA GLU A 8 -26.67 7.63 8.91
C GLU A 8 -26.14 8.57 7.84
N LYS A 9 -25.34 9.53 8.24
CA LYS A 9 -24.77 10.45 7.26
C LYS A 9 -23.76 9.76 6.31
N LEU A 10 -22.92 8.89 6.84
CA LEU A 10 -22.02 8.08 5.98
C LEU A 10 -22.82 7.19 5.02
N GLU A 11 -23.89 6.59 5.52
CA GLU A 11 -24.79 5.77 4.67
C GLU A 11 -25.46 6.56 3.56
N ARG A 12 -25.77 7.82 3.82
CA ARG A 12 -26.35 8.69 2.81
C ARG A 12 -25.29 9.42 1.97
N ARG A 13 -24.01 9.09 2.19
CA ARG A 13 -22.88 9.71 1.48
C ARG A 13 -22.79 11.22 1.63
N GLU A 14 -23.06 11.70 2.85
CA GLU A 14 -22.83 13.08 3.25
C GLU A 14 -21.44 13.19 3.89
N PHE A 15 -20.43 13.27 3.02
CA PHE A 15 -19.03 13.11 3.45
C PHE A 15 -18.37 14.42 3.75
N THR A 16 -18.91 15.13 4.72
CA THR A 16 -18.40 16.44 5.05
C THR A 16 -17.20 16.26 5.95
N ARG A 17 -16.32 17.26 5.98
CA ARG A 17 -15.22 17.30 6.95
C ARG A 17 -15.74 17.05 8.36
N GLU A 18 -16.87 17.65 8.69
CA GLU A 18 -17.43 17.54 10.03
C GLU A 18 -17.78 16.08 10.33
N VAL A 19 -18.41 15.40 9.39
CA VAL A 19 -18.78 13.98 9.56
C VAL A 19 -17.54 13.05 9.73
N LEU A 20 -16.55 13.26 8.88
CA LEU A 20 -15.32 12.46 8.92
C LEU A 20 -14.53 12.68 10.20
N LYS A 21 -14.45 13.93 10.69
CA LYS A 21 -13.77 14.19 11.96
C LYS A 21 -14.43 13.46 13.14
N GLU A 22 -15.76 13.58 13.22
CA GLU A 22 -16.49 12.89 14.29
C GLU A 22 -16.32 11.36 14.23
N ALA A 23 -16.44 10.77 13.04
CA ALA A 23 -16.18 9.33 12.85
C ALA A 23 -14.82 8.90 13.41
N LEU A 24 -13.78 9.68 13.13
CA LEU A 24 -12.44 9.37 13.61
C LEU A 24 -12.25 9.67 15.08
N SER A 25 -13.07 10.57 15.63
CA SER A 25 -12.95 11.01 17.03
C SER A 25 -13.75 10.17 18.03
N ILE A 26 -14.92 9.70 17.62
CA ILE A 26 -15.70 8.75 18.44
C ILE A 26 -14.92 7.45 18.70
N ASN A 27 -14.80 7.05 19.97
CA ASN A 27 -14.10 5.82 20.32
C ASN A 27 -15.02 4.72 20.86
N ASP A 28 -16.32 4.93 20.75
CA ASP A 28 -17.29 3.95 21.21
C ASP A 28 -17.18 2.62 20.44
N ARG A 29 -17.08 1.49 21.16
CA ARG A 29 -16.96 0.15 20.54
C ARG A 29 -18.13 -0.16 19.57
N GLY A 30 -19.35 0.10 20.02
CA GLY A 30 -20.52 -0.03 19.16
C GLY A 30 -20.44 0.74 17.85
N PHE A 31 -20.06 2.02 17.92
CA PHE A 31 -19.91 2.83 16.73
C PHE A 31 -18.85 2.23 15.81
N ASN A 32 -17.70 1.90 16.39
CA ASN A 32 -16.56 1.37 15.60
C ASN A 32 -16.97 0.09 14.87
N GLU A 33 -17.62 -0.81 15.59
CA GLU A 33 -18.05 -2.09 15.00
C GLU A 33 -19.07 -1.88 13.87
N ALA A 34 -19.96 -0.90 14.02
CA ALA A 34 -20.93 -0.56 12.98
C ALA A 34 -20.24 0.04 11.76
N LEU A 35 -19.27 0.91 12.00
CA LEU A 35 -18.45 1.47 10.94
C LEU A 35 -17.76 0.33 10.15
N PHE A 36 -17.13 -0.64 10.85
CA PHE A 36 -16.43 -1.73 10.18
C PHE A 36 -17.42 -2.58 9.37
N LYS A 37 -18.61 -2.85 9.93
CA LYS A 37 -19.66 -3.59 9.23
C LYS A 37 -20.09 -2.87 7.94
N LEU A 38 -20.25 -1.55 8.01
CA LEU A 38 -20.66 -0.74 6.86
C LEU A 38 -19.60 -0.88 5.77
N ALA A 39 -18.32 -0.75 6.17
CA ALA A 39 -17.24 -0.81 5.19
C ALA A 39 -17.15 -2.20 4.55
N ASP A 40 -17.32 -3.24 5.37
CA ASP A 40 -17.31 -4.64 4.91
C ASP A 40 -18.43 -4.88 3.90
N GLU A 41 -19.60 -4.35 4.19
CA GLU A 41 -20.74 -4.54 3.29
C GLU A 41 -20.58 -3.79 2.00
N ILE A 42 -20.09 -2.54 2.05
CA ILE A 42 -19.79 -1.76 0.85
C ILE A 42 -18.72 -2.50 -0.01
N ARG A 43 -17.69 -3.05 0.63
CA ARG A 43 -16.65 -3.81 -0.07
C ARG A 43 -17.31 -5.02 -0.80
N ARG A 44 -18.12 -5.80 -0.09
CA ARG A 44 -18.77 -6.96 -0.71
C ARG A 44 -19.66 -6.51 -1.90
N LYS A 45 -20.41 -5.43 -1.72
CA LYS A 45 -21.37 -4.99 -2.77
C LYS A 45 -20.66 -4.47 -4.05
N TYR A 46 -19.57 -3.73 -3.88
CA TYR A 46 -18.91 -3.11 -5.00
C TYR A 46 -17.77 -3.93 -5.63
N VAL A 47 -16.97 -4.60 -4.81
CA VAL A 47 -15.78 -5.33 -5.30
C VAL A 47 -15.84 -6.83 -5.06
N GLY A 48 -16.90 -7.29 -4.41
CA GLY A 48 -17.14 -8.73 -4.28
C GLY A 48 -16.24 -9.43 -3.29
N ASP A 49 -16.24 -10.76 -3.37
CA ASP A 49 -15.49 -11.60 -2.40
C ASP A 49 -14.09 -11.99 -2.86
N GLU A 50 -13.71 -11.62 -4.07
CA GLU A 50 -12.36 -11.92 -4.56
C GLU A 50 -11.32 -11.09 -3.80
N VAL A 51 -10.28 -11.77 -3.31
CA VAL A 51 -9.13 -11.07 -2.73
C VAL A 51 -7.98 -11.21 -3.71
N HIS A 52 -7.52 -10.08 -4.20
CA HIS A 52 -6.48 -10.06 -5.24
C HIS A 52 -5.11 -10.15 -4.65
N ILE A 53 -4.34 -11.10 -5.17
CA ILE A 53 -3.00 -11.40 -4.65
C ILE A 53 -2.00 -10.65 -5.53
N ARG A 54 -1.20 -9.78 -4.91
CA ARG A 54 -0.12 -9.05 -5.61
C ARG A 54 1.20 -9.54 -5.03
N ALA A 55 1.95 -10.36 -5.77
CA ALA A 55 3.23 -10.91 -5.29
C ALA A 55 4.30 -9.81 -5.34
N ILE A 56 4.83 -9.43 -4.17
CA ILE A 56 5.77 -8.30 -4.10
C ILE A 56 7.23 -8.81 -4.03
N ILE A 57 8.07 -8.27 -4.89
CA ILE A 57 9.49 -8.55 -4.88
C ILE A 57 10.19 -7.23 -4.57
N GLU A 58 10.83 -7.21 -3.41
CA GLU A 58 11.51 -6.00 -2.88
C GLU A 58 12.95 -6.17 -3.34
N PHE A 59 13.27 -5.64 -4.53
CA PHE A 59 14.45 -6.11 -5.27
C PHE A 59 15.80 -5.42 -4.94
N SER A 60 15.70 -4.29 -4.24
CA SER A 60 16.86 -3.51 -3.78
C SER A 60 16.47 -2.70 -2.56
N ASN A 61 17.36 -2.65 -1.56
CA ASN A 61 17.11 -1.79 -0.40
C ASN A 61 18.04 -0.56 -0.41
N VAL A 62 18.65 -0.27 -1.56
CA VAL A 62 19.44 0.95 -1.75
C VAL A 62 18.51 2.14 -1.89
N CYS A 63 18.76 3.20 -1.13
CA CYS A 63 17.96 4.42 -1.27
C CYS A 63 18.79 5.67 -1.16
N ARG A 64 18.47 6.63 -2.02
CA ARG A 64 19.09 7.95 -2.06
C ARG A 64 18.42 8.97 -1.12
N LYS A 65 17.18 8.68 -0.69
CA LYS A 65 16.42 9.57 0.18
C LYS A 65 16.63 9.25 1.66
N ASN A 66 16.15 10.17 2.52
CA ASN A 66 16.48 10.14 3.94
C ASN A 66 15.25 10.32 4.80
N CYS A 67 14.11 9.79 4.35
CA CYS A 67 12.82 9.89 5.09
C CYS A 67 13.04 9.50 6.55
N LEU A 68 12.53 10.32 7.48
CA LEU A 68 12.87 10.17 8.90
C LEU A 68 12.29 8.89 9.52
N TYR A 69 11.20 8.39 8.94
CA TYR A 69 10.53 7.19 9.46
C TYR A 69 11.10 5.85 8.96
N CYS A 70 11.87 5.89 7.88
CA CYS A 70 12.16 4.68 7.10
C CYS A 70 13.50 4.06 7.42
N GLY A 71 13.51 2.75 7.66
CA GLY A 71 14.72 2.00 7.92
C GLY A 71 15.70 1.92 6.75
N LEU A 72 15.23 2.15 5.52
CA LEU A 72 16.13 2.16 4.35
C LEU A 72 16.75 3.56 4.09
N ARG A 73 16.43 4.56 4.95
CA ARG A 73 16.96 5.93 4.76
C ARG A 73 18.50 5.91 4.57
N ARG A 74 18.99 6.79 3.73
CA ARG A 74 20.38 6.70 3.33
C ARG A 74 21.36 6.84 4.50
N ASP A 75 20.99 7.58 5.54
CA ASP A 75 21.88 7.73 6.73
C ASP A 75 21.98 6.50 7.61
N ASN A 76 21.15 5.47 7.36
CA ASN A 76 21.25 4.25 8.14
C ASN A 76 22.43 3.40 7.67
N LYS A 77 23.53 3.49 8.42
CA LYS A 77 24.72 2.65 8.16
C LYS A 77 24.63 1.23 8.75
N ASN A 78 23.65 0.95 9.60
CA ASN A 78 23.53 -0.38 10.25
C ASN A 78 22.64 -1.33 9.45
N LEU A 79 22.83 -1.32 8.16
CA LEU A 79 22.03 -2.15 7.28
C LEU A 79 22.88 -2.59 6.13
N LYS A 80 22.91 -3.90 5.91
CA LYS A 80 23.55 -4.49 4.75
C LYS A 80 22.65 -4.16 3.56
N ARG A 81 23.22 -3.49 2.57
CA ARG A 81 22.48 -3.17 1.35
C ARG A 81 22.62 -4.32 0.34
N TYR A 82 21.56 -4.55 -0.44
CA TYR A 82 21.59 -5.53 -1.51
C TYR A 82 20.88 -5.03 -2.77
N ARG A 83 21.23 -5.68 -3.88
CA ARG A 83 20.58 -5.51 -5.17
C ARG A 83 20.45 -6.84 -5.85
N MET A 84 19.22 -7.22 -6.21
CA MET A 84 19.01 -8.40 -7.05
C MET A 84 19.40 -8.08 -8.48
N THR A 85 19.96 -9.03 -9.20
CA THR A 85 20.26 -8.82 -10.61
C THR A 85 18.96 -8.85 -11.43
N PRO A 86 18.98 -8.22 -12.61
CA PRO A 86 17.78 -8.30 -13.44
C PRO A 86 17.35 -9.74 -13.75
N GLU A 87 18.30 -10.63 -14.02
CA GLU A 87 17.97 -12.05 -14.23
C GLU A 87 17.27 -12.69 -13.00
N GLU A 88 17.78 -12.41 -11.80
CA GLU A 88 17.20 -12.91 -10.54
C GLU A 88 15.77 -12.43 -10.40
N ILE A 89 15.55 -11.15 -10.70
CA ILE A 89 14.22 -10.55 -10.50
C ILE A 89 13.22 -11.18 -11.46
N VAL A 90 13.64 -11.31 -12.72
CA VAL A 90 12.75 -11.89 -13.76
C VAL A 90 12.41 -13.33 -13.41
N GLU A 91 13.42 -14.09 -13.03
CA GLU A 91 13.17 -15.51 -12.70
C GLU A 91 12.36 -15.69 -11.42
N ARG A 92 12.54 -14.79 -10.45
CA ARG A 92 11.73 -14.78 -9.25
C ARG A 92 10.26 -14.42 -9.55
N ALA A 93 10.07 -13.47 -10.45
CA ALA A 93 8.73 -13.14 -10.94
C ALA A 93 8.08 -14.35 -11.62
N ARG A 94 8.85 -15.03 -12.47
CA ARG A 94 8.37 -16.25 -13.17
C ARG A 94 7.91 -17.28 -12.16
N LEU A 95 8.67 -17.46 -11.07
CA LEU A 95 8.28 -18.42 -10.04
C LEU A 95 6.95 -18.02 -9.38
N ALA A 96 6.77 -16.73 -9.09
CA ALA A 96 5.48 -16.22 -8.58
C ALA A 96 4.33 -16.54 -9.53
N VAL A 97 4.54 -16.30 -10.82
CA VAL A 97 3.52 -16.62 -11.84
C VAL A 97 3.22 -18.15 -11.89
N GLN A 98 4.24 -18.98 -11.77
CA GLN A 98 4.06 -20.42 -11.65
C GLN A 98 3.24 -20.78 -10.42
N PHE A 99 3.38 -20.01 -9.34
CA PHE A 99 2.56 -20.21 -8.13
C PHE A 99 1.17 -19.57 -8.18
N GLY A 100 0.85 -18.95 -9.30
CA GLY A 100 -0.48 -18.40 -9.50
C GLY A 100 -0.66 -16.90 -9.39
N ALA A 101 0.44 -16.15 -9.18
CA ALA A 101 0.34 -14.71 -9.06
C ALA A 101 -0.20 -14.13 -10.37
N LYS A 102 -1.21 -13.28 -10.30
CA LYS A 102 -1.75 -12.53 -11.45
C LYS A 102 -1.23 -11.07 -11.57
N THR A 103 -0.62 -10.57 -10.51
CA THR A 103 0.08 -9.27 -10.47
C THR A 103 1.44 -9.49 -9.78
N ILE A 104 2.48 -8.94 -10.42
CA ILE A 104 3.78 -8.81 -9.82
C ILE A 104 3.98 -7.33 -9.44
N VAL A 105 4.36 -7.11 -8.19
CA VAL A 105 4.74 -5.79 -7.68
C VAL A 105 6.27 -5.74 -7.53
N LEU A 106 6.89 -4.76 -8.18
CA LEU A 106 8.31 -4.48 -8.03
C LEU A 106 8.46 -3.25 -7.16
N GLN A 107 9.11 -3.43 -6.00
CA GLN A 107 9.31 -2.35 -5.03
C GLN A 107 10.77 -2.26 -4.64
N SER A 108 11.23 -1.02 -4.45
CA SER A 108 12.60 -0.81 -4.00
C SER A 108 12.74 0.50 -3.26
N GLY A 109 13.90 0.69 -2.65
CA GLY A 109 14.30 2.05 -2.28
C GLY A 109 14.52 2.83 -3.57
N GLU A 110 14.67 4.14 -3.47
CA GLU A 110 15.02 4.95 -4.63
C GLU A 110 16.49 4.72 -4.98
N ASP A 111 16.71 3.64 -5.73
CA ASP A 111 18.02 3.14 -6.11
C ASP A 111 18.34 3.53 -7.56
N PRO A 112 19.22 4.53 -7.74
CA PRO A 112 19.55 5.00 -9.09
C PRO A 112 20.01 3.95 -10.11
N TYR A 113 20.61 2.86 -9.65
CA TYR A 113 21.31 1.91 -10.53
C TYR A 113 20.43 1.41 -11.67
N TYR A 114 19.17 1.11 -11.34
CA TYR A 114 18.22 0.50 -12.26
C TYR A 114 17.51 1.49 -13.18
N MET A 115 17.61 2.78 -12.89
CA MET A 115 16.67 3.77 -13.45
C MET A 115 17.22 4.51 -14.68
N PRO A 116 16.45 4.56 -15.77
CA PRO A 116 15.18 3.88 -16.04
C PRO A 116 15.30 2.57 -16.83
N ASP A 117 16.41 2.33 -17.48
CA ASP A 117 16.44 1.27 -18.48
C ASP A 117 16.38 -0.16 -17.97
N VAL A 118 17.02 -0.44 -16.84
CA VAL A 118 17.04 -1.83 -16.35
C VAL A 118 15.61 -2.20 -15.93
N ILE A 119 14.91 -1.27 -15.28
CA ILE A 119 13.50 -1.48 -14.94
C ILE A 119 12.67 -1.77 -16.20
N SER A 120 12.82 -0.94 -17.22
CA SER A 120 12.13 -1.18 -18.49
C SER A 120 12.35 -2.59 -19.03
N ASP A 121 13.62 -3.03 -19.04
CA ASP A 121 13.97 -4.37 -19.52
C ASP A 121 13.25 -5.45 -18.66
N ILE A 122 13.31 -5.29 -17.34
CA ILE A 122 12.67 -6.22 -16.44
C ILE A 122 11.14 -6.28 -16.68
N VAL A 123 10.53 -5.11 -16.79
CA VAL A 123 9.08 -5.01 -17.00
C VAL A 123 8.66 -5.71 -18.30
N LYS A 124 9.44 -5.51 -19.37
CA LYS A 124 9.15 -6.17 -20.65
C LYS A 124 9.20 -7.69 -20.51
N GLU A 125 10.17 -8.23 -19.78
CA GLU A 125 10.26 -9.70 -19.61
C GLU A 125 9.11 -10.29 -18.79
N ILE A 126 8.72 -9.57 -17.76
CA ILE A 126 7.63 -10.03 -16.90
C ILE A 126 6.29 -9.94 -17.63
N LYS A 127 6.10 -8.89 -18.43
CA LYS A 127 4.86 -8.71 -19.18
C LYS A 127 4.64 -9.84 -20.20
N LYS A 128 5.72 -10.47 -20.68
CA LYS A 128 5.59 -11.67 -21.55
C LYS A 128 4.85 -12.82 -20.88
N MET A 129 4.81 -12.83 -19.54
CA MET A 129 4.22 -13.90 -18.75
CA MET A 129 4.19 -13.92 -18.80
C MET A 129 2.70 -13.76 -18.60
N GLY A 130 2.12 -12.71 -19.18
CA GLY A 130 0.67 -12.47 -19.18
C GLY A 130 0.03 -12.07 -17.87
N VAL A 131 0.78 -11.28 -17.10
CA VAL A 131 0.34 -10.78 -15.81
C VAL A 131 0.43 -9.27 -15.76
N ALA A 132 -0.22 -8.67 -14.76
CA ALA A 132 -0.13 -7.23 -14.50
C ALA A 132 1.21 -6.95 -13.78
N VAL A 133 1.80 -5.81 -14.08
CA VAL A 133 2.98 -5.32 -13.40
C VAL A 133 2.65 -3.99 -12.68
N THR A 134 2.93 -3.96 -11.38
CA THR A 134 2.79 -2.77 -10.55
C THR A 134 4.19 -2.35 -10.10
N LEU A 135 4.53 -1.07 -10.29
CA LEU A 135 5.79 -0.51 -9.81
C LEU A 135 5.59 0.32 -8.53
N SER A 136 6.58 0.27 -7.66
CA SER A 136 6.60 1.07 -6.43
C SER A 136 8.05 1.44 -6.19
N LEU A 137 8.54 2.40 -6.99
CA LEU A 137 9.96 2.80 -6.99
C LEU A 137 10.22 4.23 -6.50
N GLY A 138 9.19 4.94 -6.02
CA GLY A 138 9.37 6.31 -5.56
C GLY A 138 9.21 7.39 -6.64
N GLU A 139 9.87 8.53 -6.43
CA GLU A 139 9.73 9.74 -7.22
C GLU A 139 10.82 9.81 -8.28
N TRP A 140 10.42 9.89 -9.54
CA TRP A 140 11.35 9.96 -10.67
C TRP A 140 10.78 10.96 -11.69
N PRO A 141 11.63 11.41 -12.64
CA PRO A 141 11.14 12.28 -13.69
C PRO A 141 10.03 11.67 -14.52
N ARG A 142 9.18 12.53 -15.08
CA ARG A 142 8.14 12.12 -15.98
C ARG A 142 8.65 11.18 -17.05
N GLU A 143 9.84 11.47 -17.62
CA GLU A 143 10.38 10.63 -18.68
C GLU A 143 10.57 9.17 -18.26
N TYR A 144 10.94 8.94 -16.99
CA TYR A 144 11.09 7.56 -16.49
C TYR A 144 9.73 6.86 -16.44
N TYR A 145 8.74 7.55 -15.87
CA TYR A 145 7.39 7.02 -15.78
C TYR A 145 6.80 6.71 -17.17
N GLU A 146 7.08 7.58 -18.14
CA GLU A 146 6.68 7.36 -19.55
C GLU A 146 7.34 6.12 -20.14
N LYS A 147 8.64 5.98 -19.93
CA LYS A 147 9.37 4.80 -20.42
C LYS A 147 8.83 3.51 -19.81
N TRP A 148 8.53 3.53 -18.51
CA TRP A 148 8.03 2.31 -17.85
C TRP A 148 6.62 1.93 -18.32
N LYS A 149 5.84 2.94 -18.65
CA LYS A 149 4.49 2.73 -19.16
C LYS A 149 4.59 2.15 -20.57
N GLU A 150 5.48 2.69 -21.38
CA GLU A 150 5.71 2.12 -22.72
C GLU A 150 6.24 0.68 -22.68
N ALA A 151 7.04 0.37 -21.66
CA ALA A 151 7.58 -0.96 -21.42
C ALA A 151 6.49 -1.95 -21.01
N GLY A 152 5.32 -1.45 -20.58
CA GLY A 152 4.22 -2.30 -20.21
C GLY A 152 3.71 -2.24 -18.80
N ALA A 153 4.32 -1.42 -17.92
CA ALA A 153 3.80 -1.28 -16.56
C ALA A 153 2.33 -0.85 -16.55
N ASP A 154 1.55 -1.52 -15.70
CA ASP A 154 0.10 -1.29 -15.58
C ASP A 154 -0.30 -0.32 -14.48
N ARG A 155 0.42 -0.43 -13.36
CA ARG A 155 0.07 0.30 -12.14
C ARG A 155 1.30 0.85 -11.44
N TYR A 156 1.06 1.86 -10.60
CA TYR A 156 2.13 2.48 -9.80
C TYR A 156 1.60 2.81 -8.44
N LEU A 157 2.29 2.31 -7.40
CA LEU A 157 1.94 2.61 -6.02
C LEU A 157 2.91 3.68 -5.50
N LEU A 158 2.35 4.81 -5.11
CA LEU A 158 3.12 5.96 -4.57
C LEU A 158 2.32 6.62 -3.45
N ARG A 159 2.44 6.06 -2.25
CA ARG A 159 1.67 6.53 -1.12
C ARG A 159 1.97 8.01 -0.95
N HIS A 160 0.95 8.82 -0.69
CA HIS A 160 1.17 10.25 -0.53
C HIS A 160 1.73 10.57 0.88
N GLU A 161 1.64 9.59 1.78
CA GLU A 161 2.28 9.57 3.12
C GLU A 161 1.55 10.43 4.15
N THR A 162 1.49 11.72 3.85
CA THR A 162 0.73 12.72 4.61
C THR A 162 0.34 13.87 3.70
N ALA A 163 -0.91 14.31 3.77
CA ALA A 163 -1.38 15.43 2.95
C ALA A 163 -1.11 16.79 3.62
N ASN A 164 -0.53 16.76 4.82
CA ASN A 164 -0.12 18.02 5.49
C ASN A 164 1.27 18.45 4.91
N PRO A 165 1.31 19.57 4.12
CA PRO A 165 2.59 19.87 3.45
C PRO A 165 3.72 20.22 4.40
N VAL A 166 3.39 20.76 5.58
CA VAL A 166 4.41 21.05 6.56
C VAL A 166 5.00 19.78 7.19
N LEU A 167 4.14 18.86 7.60
CA LEU A 167 4.62 17.60 8.16
C LEU A 167 5.40 16.82 7.10
N HIS A 168 4.88 16.85 5.87
CA HIS A 168 5.45 16.08 4.75
C HIS A 168 6.89 16.49 4.53
N ARG A 169 7.12 17.81 4.46
CA ARG A 169 8.46 18.36 4.24
C ARG A 169 9.44 18.06 5.39
N LYS A 170 8.95 18.09 6.62
CA LYS A 170 9.73 17.67 7.80
C LYS A 170 10.18 16.21 7.79
N LEU A 171 9.25 15.32 7.45
CA LEU A 171 9.54 13.89 7.51
C LEU A 171 10.30 13.42 6.26
N ARG A 172 10.17 14.16 5.17
CA ARG A 172 10.73 13.74 3.89
C ARG A 172 11.57 14.91 3.36
N PRO A 173 12.75 15.13 3.99
CA PRO A 173 13.54 16.37 3.80
C PRO A 173 14.14 16.57 2.38
N ASP A 174 14.08 15.55 1.55
CA ASP A 174 14.61 15.61 0.19
C ASP A 174 13.59 16.16 -0.81
N THR A 175 12.33 16.27 -0.38
CA THR A 175 11.24 16.51 -1.30
C THR A 175 10.07 17.25 -0.61
N SER A 176 8.88 17.11 -1.16
CA SER A 176 7.71 17.88 -0.70
C SER A 176 6.42 17.18 -1.07
N PHE A 177 5.35 17.59 -0.40
CA PHE A 177 4.01 17.18 -0.81
C PHE A 177 3.71 17.61 -2.25
N GLU A 178 4.10 18.84 -2.63
CA GLU A 178 3.89 19.31 -3.99
C GLU A 178 4.52 18.38 -5.03
N ASN A 179 5.76 17.94 -4.75
CA ASN A 179 6.45 16.99 -5.64
C ASN A 179 5.66 15.69 -5.68
N ARG A 180 5.26 15.20 -4.51
CA ARG A 180 4.59 13.90 -4.42
C ARG A 180 3.28 13.93 -5.20
N LEU A 181 2.50 14.98 -4.98
CA LEU A 181 1.29 15.15 -5.71
C LEU A 181 1.53 15.27 -7.22
N ASN A 182 2.54 16.05 -7.64
CA ASN A 182 2.85 16.15 -9.05
C ASN A 182 3.22 14.77 -9.63
N CSO A 183 3.99 13.97 -8.90
CA CSO A 183 4.23 12.56 -9.34
CB CSO A 183 5.14 11.76 -8.39
SG CSO A 183 6.80 12.47 -8.21
C CSO A 183 2.93 11.79 -9.56
O CSO A 183 2.74 11.17 -10.61
OD CSO A 183 7.79 12.06 -9.59
N LEU A 184 2.00 11.90 -8.60
CA LEU A 184 0.75 11.13 -8.65
C LEU A 184 -0.12 11.59 -9.83
N LEU A 185 -0.14 12.90 -10.08
CA LEU A 185 -0.94 13.46 -11.18
C LEU A 185 -0.36 13.05 -12.54
N THR A 186 0.98 12.96 -12.61
CA THR A 186 1.67 12.54 -13.85
C THR A 186 1.38 11.06 -14.14
N LEU A 187 1.49 10.23 -13.10
CA LEU A 187 1.13 8.82 -13.21
C LEU A 187 -0.28 8.66 -13.78
N LYS A 188 -1.24 9.40 -13.21
CA LYS A 188 -2.62 9.34 -13.68
C LYS A 188 -2.73 9.75 -15.14
N GLU A 189 -2.07 10.86 -15.47
CA GLU A 189 -2.09 11.40 -16.84
C GLU A 189 -1.57 10.39 -17.86
N LEU A 190 -0.53 9.66 -17.48
CA LEU A 190 0.10 8.65 -18.32
C LEU A 190 -0.68 7.33 -18.45
N GLY A 191 -1.76 7.21 -17.70
CA GLY A 191 -2.65 6.06 -17.80
C GLY A 191 -2.36 4.90 -16.86
N TYR A 192 -1.48 5.11 -15.88
CA TYR A 192 -1.33 4.10 -14.82
C TYR A 192 -2.58 4.02 -13.95
N GLU A 193 -2.95 2.82 -13.53
CA GLU A 193 -3.79 2.68 -12.35
C GLU A 193 -2.88 3.12 -11.20
N THR A 194 -3.31 4.17 -10.52
CA THR A 194 -2.49 4.91 -9.57
C THR A 194 -2.95 4.75 -8.13
N GLY A 195 -1.97 4.41 -7.27
CA GLY A 195 -2.21 4.19 -5.89
C GLY A 195 -1.54 5.22 -5.00
N ALA A 196 -2.32 5.72 -4.05
CA ALA A 196 -1.82 6.65 -3.05
C ALA A 196 -2.06 6.04 -1.68
N GLY A 197 -2.22 6.88 -0.65
CA GLY A 197 -2.44 6.38 0.71
C GLY A 197 -1.41 6.94 1.67
N SER A 198 -1.62 6.72 2.95
CA SER A 198 -0.85 7.43 3.98
C SER A 198 -0.48 6.52 5.15
N MET A 199 0.40 7.01 6.02
CA MET A 199 0.64 6.34 7.29
C MET A 199 -0.22 7.03 8.35
N VAL A 200 -0.56 6.26 9.37
CA VAL A 200 -1.39 6.73 10.47
C VAL A 200 -0.59 6.69 11.78
N GLY A 201 -0.60 7.81 12.50
CA GLY A 201 0.07 7.94 13.76
C GLY A 201 1.50 8.43 13.65
N LEU A 202 1.82 9.15 12.57
CA LEU A 202 3.14 9.77 12.44
C LEU A 202 3.31 10.77 13.57
N PRO A 203 4.56 10.97 14.02
CA PRO A 203 4.81 12.02 15.02
C PRO A 203 4.31 13.39 14.52
N GLY A 204 3.47 14.05 15.30
CA GLY A 204 2.94 15.36 14.93
C GLY A 204 1.68 15.38 14.07
N GLN A 205 1.22 14.21 13.66
CA GLN A 205 0.04 14.14 12.83
C GLN A 205 -1.18 14.18 13.74
N THR A 206 -2.17 14.95 13.35
CA THR A 206 -3.41 15.08 14.12
C THR A 206 -4.62 14.36 13.48
N ILE A 207 -5.73 14.29 14.19
CA ILE A 207 -6.98 13.78 13.61
C ILE A 207 -7.42 14.62 12.41
N ASP A 208 -7.26 15.95 12.50
CA ASP A 208 -7.58 16.82 11.38
C ASP A 208 -6.72 16.48 10.15
N ASP A 209 -5.46 16.12 10.38
CA ASP A 209 -4.58 15.68 9.27
C ASP A 209 -5.15 14.41 8.60
N LEU A 210 -5.64 13.47 9.41
CA LEU A 210 -6.23 12.24 8.86
C LEU A 210 -7.46 12.56 8.03
N VAL A 211 -8.30 13.48 8.52
CA VAL A 211 -9.44 13.96 7.75
C VAL A 211 -8.99 14.54 6.40
N ASP A 212 -7.90 15.33 6.40
CA ASP A 212 -7.35 15.87 5.16
C ASP A 212 -6.88 14.76 4.24
N ASP A 213 -6.31 13.70 4.81
CA ASP A 213 -5.88 12.53 4.02
C ASP A 213 -7.08 11.90 3.30
N LEU A 214 -8.16 11.66 4.03
CA LEU A 214 -9.39 11.12 3.43
C LEU A 214 -9.98 12.02 2.32
N LEU A 215 -10.01 13.34 2.55
CA LEU A 215 -10.54 14.29 1.56
C LEU A 215 -9.64 14.36 0.32
N PHE A 216 -8.34 14.25 0.54
CA PHE A 216 -7.36 14.22 -0.54
C PHE A 216 -7.59 12.99 -1.42
N LEU A 217 -7.79 11.81 -0.79
CA LEU A 217 -8.04 10.59 -1.53
C LEU A 217 -9.34 10.69 -2.35
N LYS A 218 -10.39 11.23 -1.73
CA LYS A 218 -11.69 11.39 -2.36
C LYS A 218 -11.58 12.33 -3.55
N GLU A 219 -10.87 13.43 -3.36
CA GLU A 219 -10.63 14.45 -4.40
C GLU A 219 -10.06 13.87 -5.67
N HIS A 220 -9.02 13.04 -5.54
CA HIS A 220 -8.25 12.56 -6.69
C HIS A 220 -8.68 11.17 -7.19
N ASP A 221 -9.60 10.52 -6.49
CA ASP A 221 -10.21 9.28 -6.98
C ASP A 221 -9.19 8.21 -7.38
N PHE A 222 -8.26 7.93 -6.49
CA PHE A 222 -7.20 6.98 -6.79
C PHE A 222 -7.73 5.57 -7.01
N ASP A 223 -7.04 4.81 -7.83
CA ASP A 223 -7.44 3.45 -8.11
C ASP A 223 -7.13 2.51 -6.97
N MET A 224 -6.05 2.81 -6.27
CA MET A 224 -5.62 2.03 -5.09
C MET A 224 -5.28 2.94 -3.94
N VAL A 225 -5.50 2.44 -2.74
CA VAL A 225 -5.14 3.21 -1.54
C VAL A 225 -4.49 2.28 -0.51
N GLY A 226 -3.21 2.51 -0.28
CA GLY A 226 -2.44 1.77 0.72
C GLY A 226 -2.30 2.53 2.03
N ILE A 227 -2.81 1.95 3.12
CA ILE A 227 -2.83 2.62 4.43
C ILE A 227 -2.22 1.67 5.47
N GLY A 228 -1.30 2.20 6.27
CA GLY A 228 -0.75 1.44 7.37
C GLY A 228 -0.37 2.32 8.54
N PRO A 229 -0.14 1.72 9.70
CA PRO A 229 0.29 2.45 10.88
C PRO A 229 1.76 2.76 10.75
N PHE A 230 2.17 3.92 11.28
CA PHE A 230 3.58 4.16 11.53
C PHE A 230 4.17 3.20 12.56
N ILE A 231 5.28 2.55 12.21
CA ILE A 231 6.02 1.63 13.09
C ILE A 231 7.46 2.17 13.26
N PRO A 232 7.81 2.67 14.46
CA PRO A 232 9.15 3.27 14.61
C PRO A 232 10.30 2.26 14.41
N HIS A 233 11.35 2.72 13.74
CA HIS A 233 12.47 1.86 13.41
C HIS A 233 13.64 2.34 14.27
N PRO A 234 14.33 1.40 14.96
CA PRO A 234 15.37 1.80 15.92
C PRO A 234 16.58 2.48 15.31
N ASP A 235 16.79 2.34 14.01
CA ASP A 235 17.92 2.97 13.32
C ASP A 235 17.54 4.23 12.55
N THR A 236 16.54 4.96 13.07
CA THR A 236 16.08 6.22 12.49
C THR A 236 15.85 7.29 13.56
N PRO A 237 15.75 8.56 13.12
CA PRO A 237 15.47 9.61 14.09
C PRO A 237 14.15 9.50 14.85
N LEU A 238 13.22 8.67 14.36
CA LEU A 238 11.91 8.55 14.97
C LEU A 238 11.79 7.30 15.85
N ALA A 239 12.94 6.70 16.18
CA ALA A 239 13.06 5.46 16.96
C ALA A 239 12.24 5.39 18.27
N ASN A 240 12.21 6.51 18.99
CA ASN A 240 11.54 6.61 20.30
C ASN A 240 10.12 7.16 20.24
N GLU A 241 9.57 7.31 19.04
CA GLU A 241 8.24 7.84 18.91
C GLU A 241 7.22 6.70 19.05
N LYS A 242 5.97 7.06 19.28
CA LYS A 242 4.93 6.06 19.49
C LYS A 242 4.46 5.45 18.16
N LYS A 243 4.20 4.15 18.19
CA LYS A 243 3.57 3.45 17.05
C LYS A 243 2.16 3.98 16.78
N GLY A 244 1.76 3.89 15.51
CA GLY A 244 0.40 4.15 15.14
C GLY A 244 -0.57 3.16 15.75
N ASP A 245 -1.77 3.63 16.05
CA ASP A 245 -2.79 2.81 16.67
C ASP A 245 -3.47 1.95 15.62
N PHE A 246 -3.55 0.66 15.88
CA PHE A 246 -4.21 -0.26 14.94
C PHE A 246 -5.67 0.11 14.66
N THR A 247 -6.47 0.33 15.70
CA THR A 247 -7.91 0.57 15.53
C THR A 247 -8.17 1.87 14.75
N LEU A 248 -7.38 2.91 15.01
CA LEU A 248 -7.50 4.16 14.25
C LEU A 248 -7.18 3.98 12.76
N THR A 249 -6.12 3.22 12.52
CA THR A 249 -5.68 2.91 11.16
C THR A 249 -6.75 2.07 10.48
N LEU A 250 -7.35 1.12 11.22
CA LEU A 250 -8.43 0.30 10.65
C LEU A 250 -9.65 1.18 10.29
N LYS A 251 -9.96 2.17 11.12
CA LYS A 251 -11.00 3.15 10.78
C LYS A 251 -10.72 3.96 9.50
N MET A 252 -9.44 4.29 9.28
CA MET A 252 -9.03 4.96 8.04
C MET A 252 -9.26 4.06 6.82
N VAL A 253 -8.93 2.78 6.94
CA VAL A 253 -9.21 1.81 5.87
C VAL A 253 -10.73 1.72 5.60
N ALA A 254 -11.51 1.58 6.67
CA ALA A 254 -12.98 1.51 6.58
C ALA A 254 -13.54 2.74 5.90
N LEU A 255 -13.11 3.92 6.35
CA LEU A 255 -13.58 5.16 5.73
C LEU A 255 -13.16 5.32 4.26
N THR A 256 -11.96 4.86 3.92
CA THR A 256 -11.48 4.87 2.56
C THR A 256 -12.41 4.01 1.68
N ARG A 257 -12.77 2.81 2.14
CA ARG A 257 -13.74 2.01 1.40
C ARG A 257 -15.08 2.71 1.23
N ILE A 258 -15.57 3.33 2.30
CA ILE A 258 -16.87 4.03 2.26
C ILE A 258 -16.84 5.20 1.25
N LEU A 259 -15.75 5.95 1.24
CA LEU A 259 -15.58 7.10 0.34
C LEU A 259 -15.27 6.71 -1.10
N LEU A 260 -14.49 5.64 -1.30
CA LEU A 260 -14.05 5.19 -2.62
C LEU A 260 -14.45 3.71 -2.81
N PRO A 261 -15.79 3.46 -2.94
CA PRO A 261 -16.32 2.10 -2.84
C PRO A 261 -15.79 1.10 -3.87
N ASP A 262 -15.30 1.59 -5.01
CA ASP A 262 -14.84 0.69 -6.06
C ASP A 262 -13.32 0.64 -6.18
N SER A 263 -12.60 1.12 -5.16
CA SER A 263 -11.13 1.13 -5.21
C SER A 263 -10.52 -0.20 -4.77
N ASN A 264 -9.26 -0.42 -5.14
CA ASN A 264 -8.48 -1.53 -4.60
C ASN A 264 -7.72 -1.08 -3.34
N ILE A 265 -7.95 -1.79 -2.24
CA ILE A 265 -7.42 -1.41 -0.92
C ILE A 265 -6.68 -2.61 -0.28
N PRO A 266 -5.34 -2.56 -0.26
CA PRO A 266 -4.63 -3.63 0.42
C PRO A 266 -4.79 -3.67 1.94
N ALA A 267 -4.73 -4.90 2.46
CA ALA A 267 -4.50 -5.17 3.87
C ALA A 267 -2.97 -5.27 4.01
N THR A 268 -2.38 -4.19 4.49
CA THR A 268 -0.94 -3.96 4.40
C THR A 268 -0.17 -4.78 5.40
N THR A 269 1.08 -5.10 5.04
CA THR A 269 1.89 -5.93 5.91
C THR A 269 2.11 -5.22 7.25
N ALA A 270 2.11 -3.89 7.26
CA ALA A 270 2.27 -3.16 8.52
C ALA A 270 1.11 -3.43 9.48
N MET A 271 -0.09 -3.60 8.93
CA MET A 271 -1.24 -3.98 9.76
C MET A 271 -1.03 -5.36 10.41
N GLY A 272 -0.43 -6.31 9.68
CA GLY A 272 -0.15 -7.63 10.21
C GLY A 272 1.05 -7.71 11.15
N THR A 273 1.86 -6.64 11.13
CA THR A 273 3.03 -6.54 11.98
C THR A 273 2.68 -5.98 13.36
N ILE A 274 1.80 -4.98 13.42
CA ILE A 274 1.47 -4.38 14.71
C ILE A 274 0.50 -5.20 15.57
N VAL A 275 -0.33 -6.02 14.93
CA VAL A 275 -1.25 -6.92 15.63
C VAL A 275 -1.25 -8.26 14.92
N PRO A 276 -1.04 -9.37 15.66
CA PRO A 276 -1.16 -10.69 15.06
C PRO A 276 -2.54 -10.87 14.46
N GLY A 277 -2.58 -11.23 13.20
CA GLY A 277 -3.83 -11.37 12.48
C GLY A 277 -4.44 -10.09 11.97
N GLY A 278 -3.63 -9.02 11.96
CA GLY A 278 -4.08 -7.68 11.54
C GLY A 278 -4.54 -7.60 10.09
N ARG A 279 -3.88 -8.34 9.20
CA ARG A 279 -4.29 -8.30 7.78
C ARG A 279 -5.65 -8.91 7.59
N GLU A 280 -5.90 -10.02 8.26
CA GLU A 280 -7.18 -10.72 8.19
C GLU A 280 -8.32 -9.83 8.68
N ILE A 281 -8.11 -9.12 9.78
CA ILE A 281 -9.10 -8.16 10.29
C ILE A 281 -9.34 -7.07 9.24
N THR A 282 -8.27 -6.59 8.64
CA THR A 282 -8.37 -5.48 7.71
C THR A 282 -9.16 -5.90 6.45
N LEU A 283 -8.94 -7.13 6.01
CA LEU A 283 -9.69 -7.72 4.88
C LEU A 283 -11.20 -7.80 5.17
N ARG A 284 -11.55 -7.73 6.46
CA ARG A 284 -12.95 -7.80 6.87
C ARG A 284 -13.54 -6.45 7.23
N CYS A 285 -12.78 -5.39 7.00
CA CYS A 285 -13.16 -4.00 7.35
C CYS A 285 -12.99 -3.03 6.18
N GLY A 286 -12.98 -3.58 4.96
CA GLY A 286 -12.93 -2.80 3.76
C GLY A 286 -11.88 -3.20 2.76
N ALA A 287 -10.85 -3.91 3.16
CA ALA A 287 -9.75 -4.23 2.25
C ALA A 287 -10.11 -5.42 1.34
N ASN A 288 -9.50 -5.48 0.14
CA ASN A 288 -9.77 -6.53 -0.87
C ASN A 288 -8.53 -7.02 -1.64
N VAL A 289 -7.36 -6.62 -1.17
CA VAL A 289 -6.07 -6.98 -1.78
C VAL A 289 -5.10 -7.39 -0.69
N ILE A 290 -4.21 -8.31 -1.03
CA ILE A 290 -3.11 -8.67 -0.15
C ILE A 290 -1.83 -8.86 -0.97
N MET A 291 -0.69 -8.53 -0.34
CA MET A 291 0.64 -8.60 -1.02
C MET A 291 1.56 -9.59 -0.32
N PRO A 292 1.48 -10.88 -0.68
CA PRO A 292 2.39 -11.81 -0.03
C PRO A 292 3.85 -11.48 -0.40
N ASN A 293 4.74 -11.60 0.57
CA ASN A 293 6.15 -11.31 0.36
C ASN A 293 6.78 -12.36 -0.53
N TRP A 294 7.31 -11.96 -1.67
CA TRP A 294 7.98 -12.85 -2.57
C TRP A 294 9.45 -12.49 -2.74
N THR A 295 10.02 -11.74 -1.81
CA THR A 295 11.43 -11.45 -1.87
C THR A 295 12.21 -12.69 -1.44
N PRO A 296 13.23 -13.07 -2.20
CA PRO A 296 13.92 -14.31 -1.82
C PRO A 296 14.89 -14.12 -0.66
N SER A 297 15.18 -15.19 0.03
CA SER A 297 16.39 -15.22 0.87
C SER A 297 17.62 -15.14 -0.03
N PRO A 298 18.71 -14.55 0.48
CA PRO A 298 18.87 -14.01 1.85
C PRO A 298 18.57 -12.54 1.98
N TYR A 299 17.77 -11.99 1.05
CA TYR A 299 17.52 -10.54 1.00
C TYR A 299 16.27 -10.10 1.77
N ARG A 300 15.28 -10.98 1.83
CA ARG A 300 14.04 -10.65 2.54
C ARG A 300 14.27 -9.99 3.92
N GLN A 301 15.20 -10.52 4.69
CA GLN A 301 15.46 -10.04 6.03
C GLN A 301 16.09 -8.61 6.07
N LEU A 302 16.65 -8.21 4.94
CA LEU A 302 17.34 -6.91 4.82
C LEU A 302 16.41 -5.77 4.34
N TYR A 303 15.18 -6.07 3.96
CA TYR A 303 14.27 -5.03 3.52
C TYR A 303 13.42 -4.60 4.71
N GLN A 304 14.02 -3.79 5.58
CA GLN A 304 13.42 -3.46 6.88
C GLN A 304 13.00 -2.01 6.91
N LEU A 305 11.89 -1.69 6.24
CA LEU A 305 11.30 -0.33 6.30
C LEU A 305 10.99 -0.03 7.76
N TYR A 306 10.45 -1.05 8.43
CA TYR A 306 10.14 -1.05 9.84
C TYR A 306 10.52 -2.43 10.39
N PRO A 307 10.76 -2.53 11.71
CA PRO A 307 11.14 -3.78 12.37
C PRO A 307 9.95 -4.70 12.68
N GLY A 308 10.29 -5.97 12.95
CA GLY A 308 9.31 -6.99 13.34
C GLY A 308 8.54 -7.53 12.17
N LYS A 309 8.99 -7.24 10.95
CA LYS A 309 8.13 -7.43 9.80
C LYS A 309 7.83 -8.92 9.65
N ILE A 310 6.54 -9.25 9.57
CA ILE A 310 6.16 -10.67 9.56
C ILE A 310 6.67 -11.34 8.28
N CYS A 311 6.84 -12.66 8.33
CA CYS A 311 7.18 -13.47 7.14
C CYS A 311 8.66 -13.50 6.77
N VAL A 312 9.48 -12.64 7.39
CA VAL A 312 10.93 -12.61 7.17
C VAL A 312 11.61 -13.96 7.40
N PHE A 313 11.12 -14.73 8.37
CA PHE A 313 11.73 -16.03 8.74
C PHE A 313 11.19 -17.23 8.00
N GLU A 314 10.23 -17.02 7.11
CA GLU A 314 9.60 -18.16 6.43
C GLU A 314 10.42 -18.53 5.19
N LYS A 315 10.27 -19.78 4.74
CA LYS A 315 10.87 -20.21 3.49
C LYS A 315 10.32 -19.28 2.43
N ASP A 316 11.16 -19.10 1.40
N ASP A 316 11.11 -18.95 1.42
CA ASP A 316 11.00 -18.11 0.31
CA ASP A 316 10.70 -17.79 0.64
C ASP A 316 9.64 -18.08 -0.30
C ASP A 316 9.60 -18.04 -0.40
N THR A 317 9.09 -19.28 -0.49
CA THR A 317 7.91 -19.54 -1.30
C THR A 317 6.65 -19.72 -0.44
N ALA A 318 6.78 -19.49 0.86
CA ALA A 318 5.70 -19.80 1.79
C ALA A 318 4.46 -18.88 1.65
N CYS A 319 4.64 -17.59 1.28
CA CYS A 319 3.58 -16.59 1.48
C CYS A 319 2.43 -16.67 0.50
N ILE A 320 2.68 -17.13 -0.73
CA ILE A 320 1.58 -17.29 -1.68
C ILE A 320 0.63 -18.42 -1.19
N PRO A 321 1.15 -19.64 -0.91
CA PRO A 321 0.29 -20.66 -0.28
C PRO A 321 -0.40 -20.24 1.01
N CYS A 322 0.31 -19.50 1.86
CA CYS A 322 -0.30 -19.04 3.10
C CYS A 322 -1.46 -18.08 2.86
N VAL A 323 -1.31 -17.12 1.93
CA VAL A 323 -2.45 -16.24 1.68
C VAL A 323 -3.61 -16.99 0.98
N MET A 324 -3.34 -18.02 0.18
CA MET A 324 -4.45 -18.78 -0.39
CA MET A 324 -4.41 -18.87 -0.42
C MET A 324 -5.25 -19.48 0.69
N LYS A 325 -4.57 -20.02 1.69
CA LYS A 325 -5.25 -20.60 2.84
C LYS A 325 -6.03 -19.53 3.60
N MET A 326 -5.40 -18.36 3.83
CA MET A 326 -6.03 -17.23 4.50
C MET A 326 -7.34 -16.83 3.82
N ILE A 327 -7.27 -16.70 2.50
CA ILE A 327 -8.43 -16.29 1.68
C ILE A 327 -9.59 -17.31 1.86
N GLU A 328 -9.26 -18.60 1.85
CA GLU A 328 -10.27 -19.65 2.05
C GLU A 328 -10.84 -19.61 3.46
N LEU A 329 -10.00 -19.52 4.49
CA LEU A 329 -10.54 -19.50 5.87
C LEU A 329 -11.37 -18.26 6.19
N LEU A 330 -11.13 -17.17 5.44
CA LEU A 330 -11.96 -15.98 5.53
C LEU A 330 -13.29 -16.11 4.77
N GLY A 331 -13.51 -17.20 4.07
CA GLY A 331 -14.72 -17.39 3.26
C GLY A 331 -14.75 -16.52 2.02
N ARG A 332 -13.55 -16.23 1.51
CA ARG A 332 -13.32 -15.39 0.32
C ARG A 332 -12.84 -16.24 -0.84
N LYS A 333 -12.59 -15.62 -2.01
CA LYS A 333 -12.19 -16.35 -3.21
C LYS A 333 -10.92 -15.71 -3.75
N PRO A 334 -10.03 -16.48 -4.39
CA PRO A 334 -8.89 -15.80 -5.00
C PRO A 334 -9.30 -15.05 -6.26
N GLY A 335 -8.61 -13.97 -6.58
CA GLY A 335 -8.89 -13.23 -7.81
C GLY A 335 -8.74 -14.10 -9.03
N ARG A 336 -9.67 -13.97 -9.98
CA ARG A 336 -9.67 -14.78 -11.19
C ARG A 336 -8.95 -14.11 -12.37
N ASP A 337 -8.84 -12.79 -12.33
CA ASP A 337 -8.21 -12.01 -13.38
C ASP A 337 -7.11 -11.15 -12.78
N TRP A 338 -6.64 -10.11 -13.47
CA TRP A 338 -5.58 -9.25 -12.91
C TRP A 338 -6.03 -8.36 -11.74
N GLY A 339 -7.33 -8.30 -11.46
CA GLY A 339 -7.85 -7.48 -10.37
C GLY A 339 -7.60 -5.99 -10.58
N GLY A 340 -7.74 -5.50 -11.82
CA GLY A 340 -7.69 -4.08 -12.09
C GLY A 340 -8.94 -3.39 -11.54
N ARG A 341 -8.95 -2.08 -11.45
CA ARG A 341 -10.12 -1.40 -10.88
C ARG A 341 -11.32 -1.57 -11.84
N LYS A 342 -12.47 -1.91 -11.28
CA LYS A 342 -13.71 -2.06 -12.05
C LYS A 342 -14.63 -0.95 -11.60
N ARG A 343 -14.58 0.18 -12.33
CA ARG A 343 -15.28 1.36 -11.89
C ARG A 343 -16.79 1.17 -11.98
N VAL A 344 -17.46 1.61 -10.93
CA VAL A 344 -18.92 1.73 -10.91
C VAL A 344 -19.23 3.24 -10.92
N PHE A 345 -19.72 3.74 -12.06
CA PHE A 345 -20.08 5.17 -12.20
C PHE A 345 -21.37 5.38 -11.46
N GLU A 346 -21.40 6.38 -10.61
CA GLU A 346 -22.62 6.64 -9.88
C GLU A 346 -22.90 8.14 -9.82
N THR A 347 -23.58 8.60 -8.77
CA THR A 347 -24.06 9.98 -8.64
C THR A 347 -23.42 10.53 -7.36
S SCN B . -3.01 -3.05 -5.62
C SCN B . -1.93 -3.44 -7.01
N SCN B . -1.28 -3.72 -7.89
CL CL C . 3.42 -2.48 4.74
CL CL C . 2.86 -1.41 4.75
CL CL D . 0.35 -0.81 0.01
FE1 SF4 E . 11.87 7.22 1.76
FE2 SF4 E . 10.95 5.04 0.12
FE3 SF4 E . 13.74 5.62 0.55
FE4 SF4 E . 12.25 4.66 2.60
S1 SF4 E . 12.69 3.54 0.65
S2 SF4 E . 13.81 6.39 2.68
S3 SF4 E . 10.19 5.67 2.24
S4 SF4 E . 12.16 6.96 -0.48
N SAH F . 10.90 4.03 -1.97
CA SAH F . 9.47 3.91 -2.42
CB SAH F . 8.90 2.50 -2.19
CG SAH F . 9.27 1.81 -0.88
SD SAH F . 8.71 2.57 0.66
C SAH F . 8.58 5.00 -1.82
O SAH F . 8.99 5.69 -0.90
OXT SAH F . 7.44 5.22 -2.30
C5' SAH F . 7.04 1.79 0.84
C4' SAH F . 6.08 2.38 1.90
O4' SAH F . 6.39 1.89 3.23
C3' SAH F . 6.08 3.89 2.08
O3' SAH F . 5.28 4.56 1.13
C2' SAH F . 5.67 4.11 3.54
O2' SAH F . 4.34 4.53 3.67
C1' SAH F . 5.88 2.74 4.20
N9 SAH F . 6.81 2.89 5.33
C8 SAH F . 8.12 3.30 5.33
N7 SAH F . 8.58 3.31 6.60
C5 SAH F . 7.56 2.95 7.43
C6 SAH F . 7.48 2.78 8.80
N6 SAH F . 8.49 3.05 9.66
N1 SAH F . 6.27 2.34 9.31
C2 SAH F . 5.19 2.04 8.51
N3 SAH F . 5.28 2.19 7.16
C4 SAH F . 6.46 2.62 6.64
C1 CPS G . -0.60 -22.61 -5.16
C2 CPS G . -0.18 -24.10 -5.06
C3 CPS G . 1.77 -23.70 -6.70
C4 CPS G . 2.52 -24.14 -7.96
C5 CPS G . 2.97 -25.59 -7.83
C6 CPS G . 1.71 -26.42 -7.57
C7 CPS G . 2.21 -27.86 -7.70
C8 CPS G . 3.28 -27.76 -8.80
C9 CPS G . 3.51 -26.27 -9.10
C10 CPS G . 4.00 -25.71 -6.72
C11 CPS G . 0.71 -24.26 -3.85
C12 CPS G . -1.59 -22.36 -6.29
C13 CPS G . -2.87 -23.15 -6.01
C14 CPS G . -2.54 -24.66 -5.92
C15 CPS G . -1.42 -24.98 -4.91
C16 CPS G . -1.07 -26.48 -4.90
C17 CPS G . -0.25 -26.96 -6.09
C18 CPS G . 0.95 -26.05 -6.29
C19 CPS G . 0.56 -24.57 -6.34
C20 CPS G . 4.94 -25.99 -9.58
C21 CPS G . 5.19 -24.52 -9.91
C22 CPS G . 5.35 -26.87 -10.78
C23 CPS G . 4.42 -26.86 -11.99
C24 CPS G . 4.26 -25.51 -12.70
C25 CPS G . 2.67 -23.76 -13.44
C26 CPS G . 1.20 -23.41 -13.10
C27 CPS G . 0.82 -22.03 -13.64
C28 CPS G . -1.58 -22.55 -13.50
C29 CPS G . -0.62 -21.30 -11.77
C30 CPS G . -0.76 -20.27 -13.94
N1 CPS G . 3.02 -25.03 -12.81
N2 CPS G . -0.54 -21.55 -13.24
O1 CPS G . 5.23 -24.90 -13.17
O2 CPS G . -3.87 -22.92 -7.01
O3 CPS G . -1.08 -27.04 -7.28
O4 CPS G . 1.74 -23.88 -9.13
O5 SAT H . -24.79 -18.58 23.37
S1 SAT H . -24.06 -18.12 22.18
O3 SAT H . -23.41 -16.82 22.43
O4 SAT H . -22.99 -19.11 21.92
C2 SAT H . -25.04 -18.00 20.84
C1 SAT H . -24.38 -17.14 19.77
O1 SAT H . -25.39 -16.76 18.81
C1 CPS I . -15.05 -7.97 10.90
C2 CPS I . -15.26 -7.48 12.32
C3 CPS I . -15.38 -9.92 13.19
C4 CPS I . -15.96 -10.95 14.17
C5 CPS I . -16.05 -10.36 15.58
C6 CPS I . -16.86 -9.08 15.52
C7 CPS I . -17.06 -8.75 16.99
C8 CPS I . -17.09 -10.11 17.71
C9 CPS I . -16.80 -11.17 16.64
C10 CPS I . -14.61 -10.09 16.06
C11 CPS I . -13.87 -7.20 12.88
C12 CPS I . -16.34 -8.14 10.11
C13 CPS I . -17.13 -6.84 10.02
C14 CPS I . -17.42 -6.36 11.42
C15 CPS I . -16.14 -6.23 12.24
C16 CPS I . -16.51 -5.67 13.62
C17 CPS I . -17.12 -6.70 14.58
C18 CPS I . -16.25 -7.97 14.62
C19 CPS I . -16.02 -8.53 13.20
C20 CPS I . -16.03 -12.37 17.23
C21 CPS I . -15.75 -13.46 16.18
C22 CPS I . -16.68 -13.00 18.47
C23 CPS I . -18.12 -13.40 18.26
C24 CPS I . -18.60 -14.22 19.43
N1 CPS I . -19.80 -13.95 19.87
O1 CPS I . -17.90 -15.09 19.92
O2 CPS I . -18.33 -6.99 9.28
O3 CPS I . -18.49 -6.98 14.21
O4 CPS I . -17.26 -11.37 13.72
C1 CPS J . -12.80 -6.65 17.09
C2 CPS J . -11.49 -5.98 16.67
C3 CPS J . -10.15 -7.36 18.48
C4 CPS J . -9.03 -7.36 19.54
C5 CPS J . -7.73 -6.75 18.97
C6 CPS J . -8.04 -5.35 18.47
C7 CPS J . -6.68 -4.74 18.16
C8 CPS J . -5.72 -5.40 19.15
C9 CPS J . -6.58 -6.42 19.94
C10 CPS J . -7.18 -7.66 17.87
C11 CPS J . -10.94 -6.72 15.45
C12 CPS J . -13.60 -5.86 18.13
C13 CPS J . -13.93 -4.46 17.64
C14 CPS J . -12.63 -3.73 17.31
C15 CPS J . -11.78 -4.50 16.28
C16 CPS J . -10.52 -3.70 15.92
C17 CPS J . -9.39 -3.82 16.95
C18 CPS J . -9.13 -5.29 17.38
C19 CPS J . -10.44 -5.99 17.81
C20 CPS J . -5.72 -7.57 20.47
C21 CPS J . -6.47 -8.76 21.09
C22 CPS J . -4.80 -7.01 21.55
C23 CPS J . -3.64 -7.95 21.83
C24 CPS J . -2.91 -7.37 23.01
C25 CPS J . -0.81 -6.93 24.10
C26 CPS J . -0.96 -5.41 24.11
N1 CPS J . -1.60 -7.58 23.07
O1 CPS J . -3.51 -6.68 23.87
O2 CPS J . -14.60 -3.76 18.69
O3 CPS J . -9.69 -2.97 18.07
O4 CPS J . -9.52 -6.64 20.71
C1 CPS K . -13.83 -8.71 20.53
C2 CPS K . -12.92 -9.82 21.01
C3 CPS K . -14.98 -11.22 21.55
C4 CPS K . -15.71 -12.09 22.60
C5 CPS K . -14.80 -13.25 23.02
C6 CPS K . -13.50 -12.68 23.57
C7 CPS K . -12.78 -13.86 24.19
C8 CPS K . -13.91 -14.72 24.76
C9 CPS K . -15.22 -14.10 24.23
C10 CPS K . -14.55 -14.15 21.77
C11 CPS K . -12.58 -10.65 19.78
C12 CPS K . -14.11 -7.66 21.62
C13 CPS K . -12.79 -7.05 22.10
C14 CPS K . -11.92 -8.15 22.68
C15 CPS K . -11.63 -9.24 21.63
C16 CPS K . -10.70 -10.30 22.23
C17 CPS K . -11.42 -11.26 23.18
C18 CPS K . -12.72 -11.82 22.56
C19 CPS K . -13.62 -10.69 22.06
C20 CPS K . -16.33 -15.14 24.04
C21 CPS K . -17.66 -14.53 23.57
C22 CPS K . -16.55 -15.91 25.35
C23 CPS K . -16.86 -14.99 26.52
C24 CPS K . -17.15 -15.84 27.74
N1 CPS K . -18.42 -16.11 27.97
O1 CPS K . -16.23 -16.24 28.44
O2 CPS K . -13.01 -6.02 23.09
O3 CPS K . -11.68 -10.62 24.45
O4 CPS K . -16.14 -11.27 23.72
C1 CPS L . -7.38 -23.75 -5.09
C2 CPS L . -7.31 -23.15 -3.69
C3 CPS L . -4.99 -24.33 -3.28
C4 CPS L . -4.21 -25.28 -2.34
C5 CPS L . -4.03 -24.59 -0.99
C6 CPS L . -5.44 -24.27 -0.45
C7 CPS L . -5.18 -23.73 0.92
C8 CPS L . -3.92 -24.47 1.38
C9 CPS L . -3.46 -25.34 0.22
C10 CPS L . -3.15 -23.35 -1.24
C11 CPS L . -6.84 -21.70 -3.82
C14 CPS L . -9.31 -24.62 -2.96
C15 CPS L . -8.71 -23.20 -3.06
C16 CPS L . -8.75 -22.63 -1.64
C17 CPS L . -7.71 -23.24 -0.71
C18 CPS L . -6.31 -23.40 -1.34
C19 CPS L . -6.40 -24.00 -2.75
C20 CPS L . -1.95 -25.64 0.32
C21 CPS L . -1.38 -26.33 -0.92
C22 CPS L . -1.68 -26.58 1.50
O3 CPS L . -8.19 -24.51 -0.28
O4 CPS L . -4.88 -26.54 -2.20
FE1 FES M . 3.80 -14.82 4.92
FE2 FES M . 1.52 -16.01 6.11
S1 FES M . 1.67 -14.62 4.41
S2 FES M . 3.58 -16.79 5.87
C1 PEG N . -11.02 -5.68 -14.93
C2 PEG N . -9.69 -5.61 -14.17
O2 PEG N . -8.79 -6.72 -14.38
C3 PEG N . -8.92 -7.37 -15.64
C4 PEG N . -7.73 -8.28 -15.62
O4 PEG N . -7.69 -9.32 -16.58
C1 GOL O . -2.70 -0.69 18.49
O1 GOL O . -1.46 -0.47 17.87
C2 GOL O . -2.71 -1.68 19.63
O2 GOL O . -4.01 -2.22 19.71
C3 GOL O . -1.69 -2.80 19.43
O3 GOL O . -1.74 -3.64 20.57
#